data_3ABB
#
_entry.id   3ABB
#
_cell.length_a   67.533
_cell.length_b   67.533
_cell.length_c   182.089
_cell.angle_alpha   90.00
_cell.angle_beta   90.00
_cell.angle_gamma   120.00
#
_symmetry.space_group_name_H-M   'P 32 2 1'
#
loop_
_entity.id
_entity.type
_entity.pdbx_description
1 polymer 'Cytochrome P450 hydroxylase'
2 non-polymer 'PROTOPORPHYRIN IX CONTAINING FE'
3 water water
#
_entity_poly.entity_id   1
_entity_poly.type   'polypeptide(L)'
_entity_poly.pdbx_seq_one_letter_code
;MTETEIRLTGSPAPSFPQDRTCPYQPPKAYEERRGESPLTQVTLFDGRPAWLITGHAEGRALLVDPRLSSDWGHPDFPVV
VRRTEDRGGLAFPLIGVDDPVHARQRRMLIPSFGVKRMNAIRPRLQSLVDRLLDDMLAKGPGADLVSAFALPVPSVAICE
LLGVPYGDHDFFEECSRNFVGAATSAEADAAFGELYTYLHGLVGRKQAEPEDGLLDELIARQLEEGDLDHDEVVMIALVL
LVAGHETTVNAIALGALTLIQHPEQIDVLLRDPGAVSGVVEELLRFTSVSDHIVRMAKEDIEVGGATIKAGDAVLVSITL
MNRDAKAYENPDIFDARRNARHHVGFGHGIHQCLGQNLARAELEIALGGLFARIPGLRLAVPLDEVPIKAGHDAQGPIEL
PVVWHHHH
;
_entity_poly.pdbx_strand_id   A
#
# COMPACT_ATOMS: atom_id res chain seq x y z
N SER A 11 -1.80 27.97 6.03
CA SER A 11 -2.09 28.32 4.58
C SER A 11 -3.53 28.92 4.40
N PRO A 12 -3.70 30.12 3.78
CA PRO A 12 -5.08 30.67 3.89
C PRO A 12 -6.21 29.93 3.10
N ALA A 13 -5.88 29.41 1.91
CA ALA A 13 -6.82 28.64 1.04
C ALA A 13 -6.47 27.11 1.00
N PRO A 14 -7.50 26.21 0.76
CA PRO A 14 -7.20 24.77 0.66
C PRO A 14 -6.12 24.41 -0.34
N SER A 15 -5.07 23.73 0.13
CA SER A 15 -3.88 23.46 -0.66
C SER A 15 -3.43 21.99 -0.57
N PHE A 16 -4.14 21.16 0.20
CA PHE A 16 -3.76 19.72 0.32
C PHE A 16 -4.97 18.82 0.18
N PRO A 17 -4.87 17.78 -0.64
CA PRO A 17 -3.75 17.36 -1.45
C PRO A 17 -3.69 18.06 -2.82
N GLN A 18 -2.62 17.81 -3.55
CA GLN A 18 -2.41 18.27 -4.92
C GLN A 18 -2.06 17.00 -5.79
N ASP A 19 -2.49 16.98 -7.04
CA ASP A 19 -2.24 15.83 -7.93
C ASP A 19 -0.82 15.75 -8.43
N ARG A 20 -0.33 14.53 -8.57
CA ARG A 20 0.86 14.36 -9.37
C ARG A 20 0.58 14.75 -10.85
N THR A 21 1.61 15.27 -11.51
CA THR A 21 1.63 15.41 -12.94
C THR A 21 2.58 14.31 -13.48
N CYS A 22 3.71 14.09 -12.81
CA CYS A 22 4.60 12.98 -13.18
C CYS A 22 4.21 11.77 -12.33
N PRO A 23 4.01 10.58 -12.94
CA PRO A 23 3.45 9.48 -12.15
C PRO A 23 4.29 9.10 -10.92
N TYR A 24 5.62 9.27 -10.98
CA TYR A 24 6.50 8.86 -9.87
C TYR A 24 7.34 10.03 -9.30
N GLN A 25 6.89 11.27 -9.50
CA GLN A 25 7.46 12.41 -8.82
C GLN A 25 6.30 13.13 -8.03
N PRO A 26 6.59 13.64 -6.81
CA PRO A 26 5.58 14.47 -6.14
C PRO A 26 5.28 15.76 -6.91
N PRO A 27 4.05 16.33 -6.78
CA PRO A 27 3.77 17.59 -7.44
C PRO A 27 4.74 18.67 -6.98
N LYS A 28 5.16 19.54 -7.90
CA LYS A 28 5.99 20.71 -7.61
C LYS A 28 5.61 21.42 -6.31
N ALA A 29 4.30 21.67 -6.14
CA ALA A 29 3.80 22.40 -5.00
C ALA A 29 4.16 21.71 -3.68
N TYR A 30 4.23 20.37 -3.65
CA TYR A 30 4.70 19.69 -2.43
C TYR A 30 6.18 19.99 -2.17
N GLU A 31 7.07 19.87 -3.16
CA GLU A 31 8.46 20.26 -2.88
C GLU A 31 8.66 21.74 -2.55
N GLU A 32 7.85 22.62 -3.16
CA GLU A 32 7.86 24.05 -2.76
C GLU A 32 7.38 24.24 -1.28
N ARG A 33 6.35 23.50 -0.85
CA ARG A 33 5.82 23.62 0.52
C ARG A 33 6.85 23.23 1.58
N ARG A 34 7.75 22.31 1.25
CA ARG A 34 8.86 21.96 2.16
C ARG A 34 9.77 23.17 2.52
N GLY A 35 9.89 23.50 3.82
CA GLY A 35 10.80 24.59 4.24
C GLY A 35 12.16 24.05 4.62
N GLU A 36 12.98 24.89 5.27
CA GLU A 36 14.22 24.44 5.90
C GLU A 36 13.82 23.51 7.08
N SER A 37 12.70 23.88 7.70
CA SER A 37 12.03 23.14 8.74
C SER A 37 11.49 21.70 8.35
N PRO A 38 11.51 20.75 9.31
CA PRO A 38 11.07 19.40 9.00
C PRO A 38 9.55 19.23 8.99
N LEU A 39 8.81 20.34 9.17
CA LEU A 39 7.36 20.30 8.99
C LEU A 39 6.83 21.62 8.54
N THR A 40 5.73 21.60 7.84
CA THR A 40 5.15 22.86 7.43
C THR A 40 3.64 22.76 7.66
N GLN A 41 2.94 23.72 7.11
CA GLN A 41 1.49 23.80 7.27
C GLN A 41 0.81 23.85 5.91
N VAL A 42 -0.30 23.13 5.82
CA VAL A 42 -1.21 23.19 4.67
C VAL A 42 -2.66 23.40 5.13
N THR A 43 -3.60 23.43 4.18
CA THR A 43 -5.04 23.55 4.52
C THR A 43 -5.86 22.46 3.83
N LEU A 44 -6.69 21.76 4.58
CA LEU A 44 -7.54 20.69 4.03
C LEU A 44 -8.75 21.26 3.22
N PHE A 45 -9.54 20.41 2.58
CA PHE A 45 -10.60 20.89 1.65
C PHE A 45 -11.64 21.83 2.25
N ASP A 46 -11.80 21.80 3.56
CA ASP A 46 -12.86 22.57 4.20
C ASP A 46 -12.27 23.69 5.01
N GLY A 47 -11.02 24.02 4.72
CA GLY A 47 -10.37 25.04 5.48
C GLY A 47 -9.60 24.64 6.73
N ARG A 48 -9.75 23.41 7.22
CA ARG A 48 -9.05 23.02 8.41
C ARG A 48 -7.54 23.10 8.21
N PRO A 49 -6.81 23.81 9.11
CA PRO A 49 -5.34 23.72 9.04
C PRO A 49 -4.79 22.33 9.50
N ALA A 50 -3.65 21.95 8.92
CA ALA A 50 -3.00 20.67 9.26
C ALA A 50 -1.48 20.89 9.18
N TRP A 51 -0.75 20.19 10.01
CA TRP A 51 0.68 20.22 9.90
C TRP A 51 1.05 19.18 8.83
N LEU A 52 2.05 19.44 8.01
CA LEU A 52 2.54 18.42 7.07
C LEU A 52 3.96 18.08 7.53
N ILE A 53 4.18 16.85 8.00
CA ILE A 53 5.51 16.36 8.36
C ILE A 53 6.28 15.94 7.11
N THR A 54 7.45 16.53 6.88
CA THR A 54 8.20 16.30 5.65
C THR A 54 9.59 15.68 5.96
N GLY A 55 10.14 15.98 7.13
CA GLY A 55 11.42 15.39 7.56
C GLY A 55 11.34 13.92 7.81
N HIS A 56 12.19 13.20 7.11
CA HIS A 56 12.30 11.75 7.35
C HIS A 56 12.57 11.46 8.86
N ALA A 57 13.59 12.07 9.45
CA ALA A 57 13.88 11.70 10.85
C ALA A 57 12.74 12.09 11.80
N GLU A 58 12.12 13.28 11.61
CA GLU A 58 11.11 13.72 12.58
C GLU A 58 9.85 12.87 12.43
N GLY A 59 9.52 12.53 11.18
CA GLY A 59 8.35 11.68 10.91
C GLY A 59 8.41 10.31 11.58
N ARG A 60 9.55 9.64 11.46
CA ARG A 60 9.79 8.38 12.17
C ARG A 60 9.64 8.59 13.69
N ALA A 61 10.24 9.67 14.20
CA ALA A 61 10.13 9.97 15.63
C ALA A 61 8.67 10.13 16.04
N LEU A 62 7.85 10.72 15.17
CA LEU A 62 6.48 10.98 15.52
C LEU A 62 5.60 9.79 15.37
N LEU A 63 6.01 8.84 14.55
CA LEU A 63 5.18 7.70 14.22
C LEU A 63 5.26 6.58 15.28
N VAL A 64 6.20 6.67 16.24
CA VAL A 64 6.22 5.74 17.39
C VAL A 64 5.61 6.44 18.59
N ASP A 65 5.16 7.70 18.42
CA ASP A 65 4.75 8.53 19.54
C ASP A 65 3.24 8.39 19.85
N PRO A 66 2.91 7.98 21.09
CA PRO A 66 1.51 7.72 21.43
C PRO A 66 0.69 9.01 21.40
N ARG A 67 1.32 10.18 21.33
CA ARG A 67 0.50 11.42 21.35
C ARG A 67 -0.25 11.70 20.04
N LEU A 68 0.12 10.99 18.95
CA LEU A 68 -0.59 11.11 17.68
C LEU A 68 -1.64 10.01 17.54
N SER A 69 -2.90 10.39 17.37
CA SER A 69 -3.96 9.44 17.37
C SER A 69 -4.31 9.06 15.95
N SER A 70 -4.91 7.86 15.81
CA SER A 70 -5.51 7.37 14.58
C SER A 70 -7.00 7.03 14.79
N ASP A 71 -7.60 7.64 15.79
CA ASP A 71 -9.00 7.39 16.12
C ASP A 71 -10.03 8.01 15.14
N TRP A 72 -10.31 7.30 14.03
CA TRP A 72 -11.24 7.78 13.00
C TRP A 72 -12.68 8.03 13.51
N GLY A 73 -13.01 7.42 14.66
CA GLY A 73 -14.28 7.63 15.38
C GLY A 73 -14.35 8.91 16.20
N HIS A 74 -13.22 9.61 16.40
CA HIS A 74 -13.23 10.86 17.15
C HIS A 74 -13.90 11.92 16.30
N PRO A 75 -14.87 12.68 16.86
CA PRO A 75 -15.64 13.69 16.08
C PRO A 75 -14.79 14.68 15.31
N ASP A 76 -13.62 15.02 15.86
CA ASP A 76 -12.70 15.94 15.17
C ASP A 76 -11.57 15.28 14.37
N PHE A 77 -11.66 13.97 14.09
CA PHE A 77 -10.62 13.37 13.24
C PHE A 77 -10.57 14.03 11.86
N PRO A 78 -9.39 14.43 11.41
CA PRO A 78 -9.31 15.14 10.16
C PRO A 78 -9.76 14.31 8.97
N VAL A 79 -10.46 14.95 8.06
CA VAL A 79 -10.69 14.32 6.74
C VAL A 79 -10.08 15.17 5.62
N VAL A 80 -9.42 14.48 4.70
CA VAL A 80 -8.87 15.08 3.55
C VAL A 80 -9.79 14.93 2.33
N VAL A 81 -10.65 13.91 2.37
CA VAL A 81 -11.77 13.66 1.41
C VAL A 81 -11.46 13.63 -0.07
N ALA A 91 -14.35 4.10 11.37
CA ALA A 91 -15.14 2.91 11.09
C ALA A 91 -14.32 1.56 11.00
N PHE A 92 -12.97 1.62 11.02
CA PHE A 92 -12.13 0.51 10.55
C PHE A 92 -11.24 -0.10 11.65
N PRO A 93 -11.29 -1.43 11.86
CA PRO A 93 -10.32 -2.06 12.78
C PRO A 93 -8.87 -1.78 12.42
N LEU A 94 -7.99 -1.84 13.43
CA LEU A 94 -6.56 -1.67 13.22
C LEU A 94 -6.13 -0.24 12.84
N ILE A 95 -6.38 0.13 11.59
CA ILE A 95 -5.82 1.30 11.00
C ILE A 95 -6.56 2.53 11.49
N GLY A 96 -7.81 2.34 11.96
CA GLY A 96 -8.64 3.49 12.31
C GLY A 96 -8.97 3.55 13.81
N VAL A 97 -8.16 2.92 14.65
CA VAL A 97 -8.31 2.92 16.09
C VAL A 97 -6.96 3.14 16.82
N ASP A 98 -7.05 3.64 18.05
CA ASP A 98 -5.94 3.70 18.98
C ASP A 98 -5.97 2.50 19.95
N ASP A 99 -4.94 2.45 20.79
CA ASP A 99 -4.98 1.53 21.91
C ASP A 99 -6.05 1.96 22.87
N PRO A 100 -6.59 0.99 23.64
CA PRO A 100 -6.17 -0.43 23.61
C PRO A 100 -6.75 -1.29 22.49
N VAL A 101 -7.74 -0.81 21.74
CA VAL A 101 -8.36 -1.66 20.69
C VAL A 101 -7.31 -2.05 19.63
N HIS A 102 -6.49 -1.07 19.24
CA HIS A 102 -5.44 -1.30 18.26
C HIS A 102 -4.54 -2.49 18.60
N ALA A 103 -3.93 -2.46 19.78
CA ALA A 103 -2.99 -3.48 20.18
C ALA A 103 -3.71 -4.82 20.31
N ARG A 104 -4.91 -4.86 20.89
CA ARG A 104 -5.57 -6.17 20.88
C ARG A 104 -5.82 -6.76 19.48
N GLN A 105 -6.26 -5.97 18.51
CA GLN A 105 -6.61 -6.54 17.19
C GLN A 105 -5.32 -6.94 16.47
N ARG A 106 -4.32 -6.10 16.58
CA ARG A 106 -3.09 -6.41 15.93
C ARG A 106 -2.38 -7.66 16.50
N ARG A 107 -2.41 -7.85 17.80
CA ARG A 107 -1.70 -9.00 18.30
C ARG A 107 -2.40 -10.32 18.01
N MET A 108 -3.71 -10.23 17.77
CA MET A 108 -4.41 -11.37 17.24
C MET A 108 -3.91 -11.74 15.83
N LEU A 109 -3.45 -10.73 15.07
CA LEU A 109 -3.05 -11.00 13.63
C LEU A 109 -1.61 -11.36 13.35
N ILE A 110 -0.70 -10.86 14.20
CA ILE A 110 0.75 -10.95 13.94
C ILE A 110 1.24 -12.34 13.60
N PRO A 111 0.82 -13.36 14.36
CA PRO A 111 1.31 -14.69 14.07
C PRO A 111 0.84 -15.25 12.67
N SER A 112 -0.22 -14.67 12.08
CA SER A 112 -0.63 -15.10 10.73
C SER A 112 0.24 -14.51 9.61
N PHE A 113 1.16 -13.58 9.95
CA PHE A 113 1.98 -12.94 8.93
C PHE A 113 3.38 -13.45 9.08
N GLY A 114 3.52 -14.65 9.64
CA GLY A 114 4.83 -15.24 9.90
C GLY A 114 5.53 -15.77 8.65
N VAL A 115 6.85 -15.93 8.76
CA VAL A 115 7.77 -16.37 7.66
C VAL A 115 7.24 -17.64 6.96
N LYS A 116 6.65 -18.51 7.76
CA LYS A 116 6.23 -19.82 7.32
C LYS A 116 4.97 -19.68 6.45
N ARG A 117 4.05 -18.83 6.85
CA ARG A 117 2.88 -18.59 6.03
C ARG A 117 3.27 -17.85 4.76
N MET A 118 4.15 -16.84 4.84
CA MET A 118 4.65 -16.16 3.62
C MET A 118 5.22 -17.15 2.63
N ASN A 119 6.11 -18.01 3.09
CA ASN A 119 6.77 -18.93 2.20
C ASN A 119 5.88 -19.93 1.55
N ALA A 120 4.76 -20.26 2.19
CA ALA A 120 3.71 -21.07 1.54
C ALA A 120 2.92 -20.29 0.49
N ILE A 121 2.78 -18.97 0.71
CA ILE A 121 2.13 -18.14 -0.26
C ILE A 121 3.02 -17.93 -1.51
N ARG A 122 4.36 -17.90 -1.32
CA ARG A 122 5.27 -17.67 -2.47
C ARG A 122 5.03 -18.48 -3.72
N PRO A 123 5.00 -19.83 -3.62
CA PRO A 123 4.86 -20.60 -4.89
C PRO A 123 3.53 -20.40 -5.65
N ARG A 124 2.46 -20.15 -4.92
CA ARG A 124 1.21 -19.70 -5.51
C ARG A 124 1.31 -18.38 -6.26
N LEU A 125 2.02 -17.41 -5.69
CA LEU A 125 2.14 -16.15 -6.38
C LEU A 125 2.99 -16.41 -7.63
N GLN A 126 4.03 -17.24 -7.50
CA GLN A 126 4.84 -17.63 -8.65
C GLN A 126 4.02 -18.24 -9.80
N SER A 127 3.15 -19.17 -9.45
CA SER A 127 2.43 -19.87 -10.45
C SER A 127 1.42 -18.91 -11.06
N LEU A 128 0.88 -18.01 -10.24
CA LEU A 128 -0.07 -17.02 -10.76
C LEU A 128 0.61 -16.05 -11.70
N VAL A 129 1.79 -15.61 -11.30
CA VAL A 129 2.48 -14.62 -12.16
C VAL A 129 2.82 -15.23 -13.57
N ASP A 130 3.36 -16.45 -13.58
CA ASP A 130 3.59 -17.14 -14.86
C ASP A 130 2.36 -17.25 -15.71
N ARG A 131 1.22 -17.56 -15.11
CA ARG A 131 -0.04 -17.73 -15.85
C ARG A 131 -0.52 -16.39 -16.41
N LEU A 132 -0.42 -15.33 -15.62
CA LEU A 132 -0.84 -14.02 -16.07
C LEU A 132 0.01 -13.59 -17.25
N LEU A 133 1.29 -13.88 -17.17
CA LEU A 133 2.25 -13.56 -18.24
C LEU A 133 2.00 -14.40 -19.49
N ASP A 134 1.78 -15.71 -19.36
CA ASP A 134 1.44 -16.53 -20.56
C ASP A 134 0.21 -15.94 -21.24
N ASP A 135 -0.77 -15.54 -20.43
CA ASP A 135 -2.04 -15.15 -20.99
C ASP A 135 -1.90 -13.79 -21.69
N MET A 136 -1.16 -12.90 -21.05
CA MET A 136 -0.83 -11.58 -21.62
C MET A 136 -0.15 -11.70 -22.98
N LEU A 137 0.80 -12.62 -23.06
CA LEU A 137 1.56 -12.89 -24.24
C LEU A 137 0.66 -13.53 -25.24
N ALA A 138 -0.29 -14.36 -24.82
CA ALA A 138 -1.13 -15.02 -25.81
C ALA A 138 -2.07 -14.01 -26.43
N LYS A 139 -2.43 -12.98 -25.70
CA LYS A 139 -3.35 -11.99 -26.23
C LYS A 139 -2.58 -10.84 -26.91
N GLY A 140 -1.27 -10.92 -27.07
CA GLY A 140 -0.50 -9.66 -27.17
C GLY A 140 -0.22 -9.11 -28.54
N PRO A 141 0.74 -8.15 -28.61
CA PRO A 141 0.84 -7.02 -27.63
C PRO A 141 -0.28 -6.00 -27.94
N GLY A 142 -0.33 -4.90 -27.19
CA GLY A 142 0.24 -4.90 -25.93
C GLY A 142 -0.89 -5.31 -25.03
N ALA A 143 -0.95 -4.63 -23.89
CA ALA A 143 -1.88 -4.93 -22.85
C ALA A 143 -1.94 -3.68 -22.04
N ASP A 144 -2.97 -3.61 -21.20
CA ASP A 144 -3.03 -2.75 -20.08
C ASP A 144 -2.45 -3.55 -18.92
N LEU A 145 -1.30 -3.10 -18.39
CA LEU A 145 -0.65 -3.90 -17.42
C LEU A 145 -1.42 -3.85 -16.08
N VAL A 146 -2.19 -2.77 -15.81
CA VAL A 146 -3.03 -2.71 -14.62
C VAL A 146 -4.06 -3.84 -14.65
N SER A 147 -4.92 -3.84 -15.67
CA SER A 147 -5.89 -4.85 -15.81
C SER A 147 -5.30 -6.26 -15.98
N ALA A 148 -4.31 -6.38 -16.87
CA ALA A 148 -3.83 -7.73 -17.23
C ALA A 148 -2.96 -8.39 -16.14
N PHE A 149 -2.45 -7.61 -15.19
CA PHE A 149 -1.31 -8.13 -14.42
C PHE A 149 -1.27 -7.59 -13.03
N ALA A 150 -1.17 -6.29 -12.86
CA ALA A 150 -1.07 -5.76 -11.47
C ALA A 150 -2.37 -6.11 -10.67
N LEU A 151 -3.55 -5.97 -11.32
CA LEU A 151 -4.86 -6.05 -10.64
C LEU A 151 -5.11 -7.44 -10.02
N PRO A 152 -4.87 -8.54 -10.76
CA PRO A 152 -5.13 -9.87 -10.14
C PRO A 152 -4.20 -10.32 -9.02
N VAL A 153 -2.97 -9.84 -9.00
CA VAL A 153 -2.02 -10.42 -8.07
C VAL A 153 -2.43 -10.24 -6.58
N PRO A 154 -2.78 -9.01 -6.15
CA PRO A 154 -3.03 -8.79 -4.69
C PRO A 154 -4.32 -9.50 -4.20
N SER A 155 -5.18 -9.76 -5.15
CA SER A 155 -6.45 -10.39 -4.92
C SER A 155 -6.29 -11.77 -4.40
N VAL A 156 -5.65 -12.57 -5.24
CA VAL A 156 -5.20 -13.91 -4.96
C VAL A 156 -4.27 -13.98 -3.74
N ALA A 157 -3.40 -12.99 -3.54
CA ALA A 157 -2.54 -13.03 -2.34
C ALA A 157 -3.44 -12.98 -1.10
N ILE A 158 -4.42 -12.07 -1.12
CA ILE A 158 -5.35 -11.97 0.00
C ILE A 158 -6.20 -13.25 0.15
N CYS A 159 -6.59 -13.90 -0.95
CA CYS A 159 -7.35 -15.15 -0.82
C CYS A 159 -6.54 -16.24 -0.12
N GLU A 160 -5.27 -16.33 -0.46
CA GLU A 160 -4.41 -17.35 0.09
C GLU A 160 -4.13 -17.00 1.55
N LEU A 161 -3.83 -15.72 1.83
CA LEU A 161 -3.64 -15.26 3.20
C LEU A 161 -4.82 -15.63 4.11
N LEU A 162 -6.03 -15.25 3.70
CA LEU A 162 -7.23 -15.41 4.46
C LEU A 162 -7.67 -16.84 4.59
N GLY A 163 -7.33 -17.70 3.62
CA GLY A 163 -7.82 -19.06 3.65
C GLY A 163 -9.16 -19.19 2.94
N VAL A 164 -9.35 -18.41 1.88
CA VAL A 164 -10.60 -18.38 1.12
C VAL A 164 -10.64 -19.66 0.36
N PRO A 165 -11.73 -20.46 0.49
CA PRO A 165 -11.78 -21.72 -0.27
C PRO A 165 -11.42 -21.44 -1.70
N TYR A 166 -10.51 -22.26 -2.21
CA TYR A 166 -10.03 -22.14 -3.58
C TYR A 166 -11.18 -22.04 -4.60
N GLY A 167 -12.22 -22.83 -4.41
CA GLY A 167 -13.46 -22.65 -5.22
C GLY A 167 -14.04 -21.24 -5.40
N ASP A 168 -13.82 -20.37 -4.41
CA ASP A 168 -14.37 -19.01 -4.35
C ASP A 168 -13.41 -17.91 -4.80
N HIS A 169 -12.20 -18.27 -5.20
CA HIS A 169 -11.26 -17.25 -5.66
C HIS A 169 -11.74 -16.31 -6.80
N ASP A 170 -12.36 -16.87 -7.85
CA ASP A 170 -12.73 -16.05 -9.00
C ASP A 170 -13.77 -15.05 -8.51
N PHE A 171 -14.77 -15.54 -7.79
CA PHE A 171 -15.77 -14.66 -7.16
C PHE A 171 -15.07 -13.53 -6.37
N PHE A 172 -14.18 -13.93 -5.46
CA PHE A 172 -13.50 -12.97 -4.62
C PHE A 172 -12.71 -11.94 -5.41
N GLU A 173 -11.86 -12.39 -6.34
CA GLU A 173 -11.12 -11.44 -7.23
C GLU A 173 -12.07 -10.50 -7.97
N GLU A 174 -13.14 -11.09 -8.47
CA GLU A 174 -14.08 -10.34 -9.24
C GLU A 174 -14.64 -9.23 -8.37
N CYS A 175 -15.09 -9.57 -7.16
CA CYS A 175 -15.57 -8.54 -6.23
C CYS A 175 -14.54 -7.47 -5.99
N SER A 176 -13.33 -7.94 -5.68
CA SER A 176 -12.21 -7.09 -5.38
C SER A 176 -11.88 -6.15 -6.53
N ARG A 177 -11.96 -6.67 -7.75
CA ARG A 177 -11.65 -5.92 -8.94
C ARG A 177 -12.73 -4.80 -9.09
N ASN A 178 -14.02 -5.16 -8.93
CA ASN A 178 -15.12 -4.20 -9.01
C ASN A 178 -15.01 -3.07 -8.02
N PHE A 179 -14.30 -3.33 -6.95
CA PHE A 179 -14.17 -2.38 -5.85
C PHE A 179 -13.16 -1.29 -6.18
N VAL A 180 -11.90 -1.68 -6.30
CA VAL A 180 -10.78 -0.86 -6.78
C VAL A 180 -10.98 -0.35 -8.20
N GLU A 187 -20.25 4.50 -9.10
CA GLU A 187 -19.44 4.06 -7.96
C GLU A 187 -19.48 2.55 -7.60
N ALA A 188 -19.01 2.20 -6.40
CA ALA A 188 -18.64 0.81 -6.06
C ALA A 188 -18.58 0.63 -4.56
N ASP A 189 -19.69 0.11 -4.05
CA ASP A 189 -19.98 0.02 -2.66
C ASP A 189 -20.98 -1.12 -2.64
N ALA A 190 -21.12 -1.76 -3.81
CA ALA A 190 -21.91 -2.97 -3.96
C ALA A 190 -20.91 -4.11 -4.01
N ALA A 191 -19.70 -3.80 -4.45
CA ALA A 191 -18.60 -4.76 -4.41
C ALA A 191 -18.25 -5.00 -2.94
N PHE A 192 -17.97 -3.90 -2.24
CA PHE A 192 -17.66 -3.93 -0.82
C PHE A 192 -18.75 -4.60 0.03
N GLY A 193 -20.02 -4.37 -0.29
CA GLY A 193 -21.09 -5.08 0.40
C GLY A 193 -21.15 -6.53 -0.02
N GLU A 194 -20.69 -6.86 -1.23
CA GLU A 194 -20.76 -8.27 -1.58
C GLU A 194 -19.70 -9.14 -0.87
N LEU A 195 -18.56 -8.52 -0.69
CA LEU A 195 -17.46 -9.09 0.03
C LEU A 195 -17.82 -9.30 1.50
N TYR A 196 -18.54 -8.31 2.08
CA TYR A 196 -18.93 -8.30 3.49
C TYR A 196 -19.76 -9.53 3.68
N THR A 197 -20.75 -9.69 2.81
CA THR A 197 -21.73 -10.73 3.02
C THR A 197 -21.18 -12.17 2.79
N TYR A 198 -20.36 -12.33 1.74
CA TYR A 198 -19.56 -13.54 1.50
C TYR A 198 -18.67 -13.86 2.72
N LEU A 199 -17.88 -12.89 3.16
CA LEU A 199 -16.99 -13.05 4.32
C LEU A 199 -17.82 -13.39 5.53
N HIS A 200 -18.99 -12.76 5.69
CA HIS A 200 -19.79 -13.02 6.88
C HIS A 200 -20.15 -14.48 6.86
N GLY A 201 -20.56 -14.99 5.68
CA GLY A 201 -20.93 -16.42 5.60
C GLY A 201 -19.71 -17.34 5.78
N LEU A 202 -18.55 -16.95 5.23
CA LEU A 202 -17.33 -17.75 5.32
C LEU A 202 -16.91 -17.96 6.76
N VAL A 203 -16.92 -16.84 7.48
CA VAL A 203 -16.62 -16.84 8.89
C VAL A 203 -17.46 -17.85 9.66
N GLY A 204 -18.75 -17.93 9.33
CA GLY A 204 -19.66 -18.86 10.01
C GLY A 204 -19.33 -20.31 9.66
N ARG A 205 -19.10 -20.53 8.37
CA ARG A 205 -18.70 -21.85 7.85
C ARG A 205 -17.38 -22.30 8.50
N LYS A 206 -16.41 -21.38 8.58
CA LYS A 206 -15.11 -21.69 9.18
C LYS A 206 -15.17 -21.94 10.70
N GLN A 207 -15.98 -21.18 11.44
CA GLN A 207 -16.21 -21.43 12.89
C GLN A 207 -16.74 -22.83 13.18
N ALA A 208 -17.64 -23.31 12.33
CA ALA A 208 -18.23 -24.62 12.56
C ALA A 208 -17.33 -25.74 12.03
N GLU A 209 -16.47 -25.42 11.07
CA GLU A 209 -15.60 -26.43 10.43
C GLU A 209 -14.25 -25.82 10.10
N PRO A 210 -13.35 -25.77 11.11
CA PRO A 210 -12.10 -25.02 10.87
C PRO A 210 -11.18 -25.58 9.74
N GLU A 211 -10.64 -24.65 8.96
CA GLU A 211 -9.64 -24.96 7.95
C GLU A 211 -8.29 -24.28 8.25
N ASP A 212 -7.60 -23.92 7.18
CA ASP A 212 -6.29 -23.35 7.27
C ASP A 212 -6.40 -21.91 6.78
N GLY A 213 -5.84 -20.97 7.53
CA GLY A 213 -5.74 -19.62 7.03
C GLY A 213 -5.87 -18.58 8.11
N LEU A 214 -5.61 -17.31 7.78
CA LEU A 214 -5.73 -16.22 8.79
C LEU A 214 -7.13 -16.15 9.44
N LEU A 215 -8.17 -16.28 8.62
CA LEU A 215 -9.56 -16.27 9.15
C LEU A 215 -9.67 -17.26 10.29
N ASP A 216 -9.29 -18.52 10.03
CA ASP A 216 -9.30 -19.58 11.03
C ASP A 216 -8.51 -19.26 12.28
N GLU A 217 -7.30 -18.73 12.10
CA GLU A 217 -6.40 -18.39 13.21
C GLU A 217 -7.02 -17.30 14.10
N LEU A 218 -7.64 -16.31 13.46
CA LEU A 218 -8.17 -15.16 14.14
C LEU A 218 -9.44 -15.60 14.87
N ILE A 219 -10.25 -16.40 14.20
CA ILE A 219 -11.40 -16.99 14.84
C ILE A 219 -10.99 -17.76 16.14
N ALA A 220 -9.96 -18.60 16.02
CA ALA A 220 -9.49 -19.43 17.15
C ALA A 220 -8.96 -18.55 18.27
N ARG A 221 -8.21 -17.51 17.89
CA ARG A 221 -7.67 -16.47 18.80
C ARG A 221 -8.78 -15.69 19.56
N GLN A 222 -9.85 -15.33 18.86
CA GLN A 222 -11.02 -14.68 19.47
C GLN A 222 -11.67 -15.61 20.48
N LEU A 223 -12.04 -16.80 20.01
CA LEU A 223 -12.62 -17.82 20.83
C LEU A 223 -11.78 -18.10 22.09
N GLU A 224 -10.47 -17.95 21.99
CA GLU A 224 -9.60 -18.13 23.16
C GLU A 224 -9.93 -17.25 24.39
N GLU A 225 -10.71 -16.18 24.15
CA GLU A 225 -10.75 -14.92 24.93
C GLU A 225 -12.07 -14.34 25.53
N GLY A 226 -13.27 -14.83 25.23
CA GLY A 226 -13.50 -15.96 24.38
C GLY A 226 -14.80 -16.01 23.62
N ASP A 227 -15.57 -14.92 23.61
CA ASP A 227 -16.75 -14.87 22.73
C ASP A 227 -16.33 -14.36 21.36
N LEU A 228 -16.72 -15.08 20.28
CA LEU A 228 -16.42 -14.66 18.91
C LEU A 228 -17.18 -13.39 18.57
N ASP A 229 -16.46 -12.37 18.08
CA ASP A 229 -17.09 -11.17 17.54
C ASP A 229 -17.10 -11.25 16.01
N HIS A 230 -18.25 -11.66 15.52
CA HIS A 230 -18.40 -12.07 14.15
C HIS A 230 -18.19 -10.90 13.19
N ASP A 231 -18.70 -9.73 13.54
CA ASP A 231 -18.62 -8.54 12.69
C ASP A 231 -17.21 -7.97 12.71
N GLU A 232 -16.54 -8.10 13.86
CA GLU A 232 -15.16 -7.65 13.97
C GLU A 232 -14.23 -8.52 13.12
N VAL A 233 -14.40 -9.82 13.15
CA VAL A 233 -13.66 -10.70 12.24
C VAL A 233 -13.84 -10.37 10.74
N VAL A 234 -15.09 -10.16 10.31
CA VAL A 234 -15.37 -9.73 8.93
C VAL A 234 -14.71 -8.39 8.67
N MET A 235 -14.80 -7.44 9.63
CA MET A 235 -14.25 -6.09 9.35
C MET A 235 -12.71 -6.09 9.24
N ILE A 236 -12.07 -6.94 10.04
CA ILE A 236 -10.64 -7.08 10.03
C ILE A 236 -10.24 -7.65 8.66
N ALA A 237 -10.87 -8.75 8.26
CA ALA A 237 -10.73 -9.31 6.92
C ALA A 237 -10.92 -8.24 5.87
N LEU A 238 -11.91 -7.36 6.02
CA LEU A 238 -12.17 -6.36 4.98
C LEU A 238 -11.12 -5.32 4.99
N VAL A 239 -10.65 -4.92 6.18
CA VAL A 239 -9.48 -3.99 6.29
C VAL A 239 -8.22 -4.58 5.65
N LEU A 240 -7.92 -5.86 5.90
CA LEU A 240 -6.78 -6.48 5.25
C LEU A 240 -6.90 -6.37 3.68
N LEU A 241 -8.09 -6.59 3.17
CA LEU A 241 -8.31 -6.52 1.75
C LEU A 241 -8.14 -5.12 1.26
N VAL A 242 -8.82 -4.17 1.88
CA VAL A 242 -8.77 -2.82 1.33
C VAL A 242 -7.36 -2.24 1.44
N ALA A 243 -6.73 -2.47 2.58
CA ALA A 243 -5.37 -1.94 2.81
C ALA A 243 -4.39 -2.58 1.86
N GLY A 244 -4.64 -3.83 1.46
CA GLY A 244 -3.62 -4.58 0.76
C GLY A 244 -3.85 -4.79 -0.74
N HIS A 245 -5.00 -4.37 -1.22
CA HIS A 245 -5.30 -4.57 -2.59
C HIS A 245 -4.90 -3.35 -3.44
N GLU A 246 -5.58 -2.23 -3.34
CA GLU A 246 -5.24 -1.17 -4.28
C GLU A 246 -3.78 -0.71 -4.16
N THR A 247 -3.24 -0.61 -2.95
CA THR A 247 -1.88 -0.08 -2.83
C THR A 247 -0.88 -0.99 -3.54
N THR A 248 -1.08 -2.30 -3.43
CA THR A 248 -0.18 -3.26 -4.03
C THR A 248 -0.36 -3.25 -5.51
N VAL A 249 -1.58 -3.09 -5.98
CA VAL A 249 -1.82 -3.01 -7.42
C VAL A 249 -1.03 -1.82 -7.95
N ASN A 250 -1.17 -0.66 -7.32
CA ASN A 250 -0.38 0.54 -7.69
C ASN A 250 1.12 0.33 -7.58
N ALA A 251 1.56 -0.40 -6.54
CA ALA A 251 2.98 -0.57 -6.33
C ALA A 251 3.51 -1.45 -7.45
N ILE A 252 2.78 -2.51 -7.83
CA ILE A 252 3.17 -3.27 -9.02
C ILE A 252 3.21 -2.41 -10.30
N ALA A 253 2.10 -1.70 -10.58
CA ALA A 253 1.98 -1.03 -11.85
C ALA A 253 2.90 0.20 -11.97
N LEU A 254 2.87 1.08 -10.98
CA LEU A 254 3.77 2.21 -10.97
C LEU A 254 5.25 1.75 -10.83
N GLY A 255 5.52 0.68 -10.08
CA GLY A 255 6.86 0.05 -10.06
C GLY A 255 7.30 -0.40 -11.47
N ALA A 256 6.44 -1.10 -12.20
CA ALA A 256 6.74 -1.43 -13.60
C ALA A 256 6.97 -0.16 -14.47
N LEU A 257 6.07 0.81 -14.39
CA LEU A 257 6.23 2.09 -15.06
C LEU A 257 7.63 2.70 -14.74
N THR A 258 8.02 2.70 -13.46
CA THR A 258 9.27 3.33 -13.08
C THR A 258 10.42 2.61 -13.79
N LEU A 259 10.33 1.29 -13.91
CA LEU A 259 11.43 0.49 -14.45
C LEU A 259 11.49 0.67 -15.99
N ILE A 260 10.30 0.70 -16.61
CA ILE A 260 10.17 0.95 -18.01
C ILE A 260 10.86 2.33 -18.29
N GLN A 261 10.69 3.31 -17.41
CA GLN A 261 11.28 4.66 -17.61
C GLN A 261 12.80 4.72 -17.26
N HIS A 262 13.30 3.65 -16.68
CA HIS A 262 14.68 3.56 -16.22
C HIS A 262 15.25 2.28 -16.74
N PRO A 263 15.22 2.09 -18.07
CA PRO A 263 15.64 0.83 -18.66
C PRO A 263 17.13 0.50 -18.40
N GLU A 264 17.97 1.50 -18.18
CA GLU A 264 19.34 1.26 -17.80
C GLU A 264 19.47 0.49 -16.45
N GLN A 265 18.38 0.30 -15.72
CA GLN A 265 18.46 -0.48 -14.45
C GLN A 265 17.63 -1.76 -14.44
N ILE A 266 16.98 -2.10 -15.55
CA ILE A 266 16.20 -3.31 -15.60
C ILE A 266 17.09 -4.54 -15.31
N ASP A 267 18.37 -4.51 -15.70
CA ASP A 267 19.24 -5.66 -15.40
C ASP A 267 19.30 -6.02 -13.92
N VAL A 268 19.11 -5.07 -13.00
CA VAL A 268 19.25 -5.37 -11.57
C VAL A 268 18.22 -6.45 -11.16
N LEU A 269 17.10 -6.44 -11.86
CA LEU A 269 16.07 -7.43 -11.70
C LEU A 269 16.44 -8.78 -12.22
N LEU A 270 17.41 -8.86 -13.12
CA LEU A 270 17.76 -10.12 -13.69
C LEU A 270 18.98 -10.76 -13.01
N ARG A 271 19.44 -10.19 -11.90
CA ARG A 271 20.59 -10.74 -11.15
C ARG A 271 20.04 -11.52 -9.91
N ASP A 272 20.79 -11.66 -8.83
CA ASP A 272 20.33 -12.55 -7.75
C ASP A 272 19.11 -12.04 -6.98
N PRO A 273 18.43 -12.92 -6.21
CA PRO A 273 17.32 -12.49 -5.35
C PRO A 273 17.56 -11.28 -4.41
N GLY A 274 18.78 -11.11 -3.92
CA GLY A 274 19.07 -9.92 -3.12
C GLY A 274 19.07 -8.63 -3.93
N ALA A 275 19.53 -8.67 -5.18
CA ALA A 275 19.37 -7.52 -6.08
C ALA A 275 17.86 -7.21 -6.36
N VAL A 276 17.04 -8.26 -6.49
CA VAL A 276 15.59 -8.05 -6.73
C VAL A 276 14.98 -7.37 -5.53
N SER A 277 15.30 -7.84 -4.34
CA SER A 277 14.72 -7.26 -3.15
C SER A 277 15.15 -5.76 -2.99
N GLY A 278 16.39 -5.42 -3.38
CA GLY A 278 16.90 -4.04 -3.36
C GLY A 278 16.17 -3.15 -4.34
N VAL A 279 15.83 -3.67 -5.52
CA VAL A 279 14.99 -2.90 -6.46
C VAL A 279 13.63 -2.60 -5.82
N VAL A 280 13.04 -3.63 -5.20
CA VAL A 280 11.75 -3.48 -4.55
C VAL A 280 11.74 -2.39 -3.48
N GLU A 281 12.72 -2.41 -2.59
CA GLU A 281 12.90 -1.33 -1.57
C GLU A 281 13.08 0.07 -2.15
N GLU A 282 13.89 0.20 -3.21
CA GLU A 282 14.07 1.53 -3.82
C GLU A 282 12.76 1.97 -4.51
N LEU A 283 12.00 1.03 -5.07
CA LEU A 283 10.74 1.41 -5.73
C LEU A 283 9.78 1.87 -4.65
N LEU A 284 9.72 1.21 -3.49
CA LEU A 284 8.84 1.60 -2.41
C LEU A 284 9.15 3.04 -2.01
N ARG A 285 10.43 3.36 -1.82
CA ARG A 285 10.87 4.67 -1.41
C ARG A 285 10.57 5.74 -2.49
N PHE A 286 10.97 5.45 -3.73
CA PHE A 286 10.92 6.48 -4.79
C PHE A 286 9.45 6.80 -5.23
N THR A 287 8.67 5.76 -5.35
CA THR A 287 7.35 5.83 -5.94
C THR A 287 6.28 6.24 -4.85
N SER A 288 6.60 5.97 -3.56
CA SER A 288 5.75 6.27 -2.40
C SER A 288 4.25 6.20 -2.70
N VAL A 289 3.80 5.03 -3.05
CA VAL A 289 2.40 4.77 -3.45
C VAL A 289 1.30 5.22 -2.42
N SER A 290 1.50 4.95 -1.11
CA SER A 290 0.72 5.67 -0.08
C SER A 290 1.48 6.96 0.14
N ASP A 291 0.87 8.05 -0.10
CA ASP A 291 1.68 9.25 -0.28
C ASP A 291 1.73 10.00 1.04
N HIS A 292 0.68 9.82 1.84
CA HIS A 292 0.53 10.48 3.15
C HIS A 292 -0.39 9.62 4.04
N ILE A 293 -0.18 9.74 5.33
CA ILE A 293 -1.09 9.16 6.30
C ILE A 293 -1.54 10.26 7.32
N VAL A 294 -2.69 10.03 7.95
CA VAL A 294 -3.39 11.06 8.67
C VAL A 294 -3.40 10.80 10.18
N ARG A 295 -3.20 11.84 10.98
CA ARG A 295 -3.23 11.72 12.41
C ARG A 295 -3.89 12.94 13.05
N MET A 296 -4.11 12.83 14.35
CA MET A 296 -4.64 13.93 15.11
C MET A 296 -3.90 13.99 16.44
N ALA A 297 -3.35 15.14 16.80
CA ALA A 297 -2.66 15.27 18.06
C ALA A 297 -3.61 15.12 19.30
N LYS A 298 -3.18 14.39 20.34
CA LYS A 298 -3.98 14.21 21.54
C LYS A 298 -3.46 15.16 22.59
N GLU A 299 -2.22 15.59 22.44
CA GLU A 299 -1.62 16.47 23.41
C GLU A 299 -0.70 17.37 22.63
N ASP A 300 -0.27 18.47 23.21
CA ASP A 300 0.81 19.27 22.65
C ASP A 300 2.05 18.46 22.34
N ILE A 301 2.68 18.78 21.22
CA ILE A 301 3.92 18.13 20.81
C ILE A 301 4.92 19.17 20.33
N GLU A 302 6.06 19.29 20.99
CA GLU A 302 7.12 20.12 20.42
C GLU A 302 7.98 19.32 19.49
N VAL A 303 8.03 19.80 18.25
CA VAL A 303 8.81 19.15 17.24
C VAL A 303 9.29 20.22 16.34
N GLY A 304 10.57 20.14 16.03
CA GLY A 304 11.12 20.90 14.91
C GLY A 304 10.89 22.40 14.98
N GLY A 305 10.93 22.97 16.21
CA GLY A 305 10.77 24.42 16.45
C GLY A 305 9.32 24.86 16.62
N ALA A 306 8.38 23.95 16.30
CA ALA A 306 6.94 24.24 16.29
C ALA A 306 6.27 23.58 17.48
N THR A 307 5.05 24.01 17.79
CA THR A 307 4.28 23.34 18.80
C THR A 307 2.94 22.88 18.21
N ILE A 308 2.85 21.61 17.80
CA ILE A 308 1.59 20.95 17.43
C ILE A 308 0.69 20.88 18.68
N LYS A 309 -0.54 21.42 18.59
CA LYS A 309 -1.46 21.41 19.73
C LYS A 309 -2.48 20.32 19.67
N ALA A 310 -3.00 19.95 20.84
CA ALA A 310 -4.05 18.94 20.99
C ALA A 310 -5.21 19.24 20.05
N GLY A 311 -5.67 18.26 19.31
CA GLY A 311 -6.76 18.55 18.41
C GLY A 311 -6.33 18.90 17.00
N ASP A 312 -5.07 19.29 16.79
CA ASP A 312 -4.53 19.64 15.45
C ASP A 312 -4.46 18.44 14.47
N ALA A 313 -4.95 18.60 13.24
CA ALA A 313 -4.70 17.63 12.16
C ALA A 313 -3.21 17.62 11.88
N VAL A 314 -2.65 16.42 11.77
CA VAL A 314 -1.23 16.17 11.40
C VAL A 314 -1.20 15.20 10.20
N LEU A 315 -0.76 15.71 9.03
CA LEU A 315 -0.53 14.84 7.90
C LEU A 315 0.94 14.45 7.81
N VAL A 316 1.21 13.14 7.70
CA VAL A 316 2.60 12.67 7.56
C VAL A 316 2.83 12.38 6.08
N SER A 317 3.74 13.13 5.46
CA SER A 317 3.98 12.93 4.02
C SER A 317 5.06 11.84 3.81
N ILE A 318 4.58 10.63 3.56
CA ILE A 318 5.42 9.55 3.15
C ILE A 318 6.30 9.89 1.93
N THR A 319 5.70 10.46 0.87
CA THR A 319 6.47 10.99 -0.28
C THR A 319 7.64 11.94 0.07
N LEU A 320 7.38 13.01 0.77
CA LEU A 320 8.43 14.00 1.02
C LEU A 320 9.45 13.46 2.04
N MET A 321 8.99 12.68 3.02
CA MET A 321 9.96 11.94 3.87
C MET A 321 10.95 11.06 3.07
N ASN A 322 10.41 10.27 2.13
CA ASN A 322 11.15 9.34 1.30
C ASN A 322 12.04 10.10 0.28
N ARG A 323 11.70 11.38 0.00
CA ARG A 323 12.52 12.25 -0.84
C ARG A 323 13.30 13.27 -0.02
N ASP A 324 13.49 13.01 1.27
CA ASP A 324 14.23 13.95 2.12
C ASP A 324 15.76 13.81 1.81
N ALA A 325 16.38 14.80 1.18
CA ALA A 325 17.84 14.82 0.97
C ALA A 325 18.67 14.62 2.25
N LYS A 326 18.17 14.97 3.43
CA LYS A 326 18.98 14.71 4.63
C LYS A 326 19.14 13.20 4.89
N ALA A 327 18.19 12.40 4.36
CA ALA A 327 18.19 10.93 4.53
C ALA A 327 18.75 10.21 3.34
N TYR A 328 18.54 10.74 2.12
CA TYR A 328 18.85 10.00 0.86
C TYR A 328 19.54 10.95 -0.10
N GLU A 329 20.83 10.74 -0.36
CA GLU A 329 21.53 11.65 -1.27
C GLU A 329 20.88 11.58 -2.70
N ASN A 330 20.69 12.75 -3.35
CA ASN A 330 19.97 12.80 -4.65
C ASN A 330 18.68 11.99 -4.57
N PRO A 331 17.76 12.39 -3.67
CA PRO A 331 16.53 11.64 -3.35
C PRO A 331 15.58 11.47 -4.51
N ASP A 332 15.66 12.36 -5.51
CA ASP A 332 14.78 12.32 -6.67
C ASP A 332 15.36 11.47 -7.78
N ILE A 333 16.47 10.79 -7.51
CA ILE A 333 16.98 9.86 -8.49
C ILE A 333 16.51 8.43 -8.07
N PHE A 334 16.02 7.66 -9.04
CA PHE A 334 15.75 6.28 -8.79
C PHE A 334 17.02 5.53 -9.01
N ASP A 335 17.51 4.88 -7.95
CA ASP A 335 18.74 4.09 -8.03
C ASP A 335 18.51 2.76 -7.34
N ALA A 336 18.22 1.75 -8.12
CA ALA A 336 17.90 0.40 -7.70
C ALA A 336 18.94 -0.22 -6.82
N ARG A 337 20.15 0.32 -6.79
CA ARG A 337 21.21 -0.25 -5.94
C ARG A 337 21.42 0.59 -4.69
N ARG A 338 20.68 1.69 -4.48
CA ARG A 338 20.96 2.45 -3.29
C ARG A 338 20.60 1.69 -1.99
N ASN A 339 21.14 2.15 -0.87
CA ASN A 339 20.63 1.63 0.39
C ASN A 339 19.32 2.41 0.68
N ALA A 340 18.21 1.70 0.68
CA ALA A 340 16.92 2.36 0.93
C ALA A 340 16.27 1.79 2.21
N ARG A 341 17.10 1.32 3.14
CA ARG A 341 16.63 0.46 4.26
C ARG A 341 15.49 0.99 5.21
N HIS A 342 15.50 2.27 5.44
CA HIS A 342 14.58 2.84 6.42
C HIS A 342 13.54 3.75 5.73
N HIS A 343 13.19 3.41 4.48
CA HIS A 343 12.15 4.16 3.80
C HIS A 343 10.85 4.01 4.61
N VAL A 344 9.92 4.94 4.41
CA VAL A 344 8.65 4.85 5.09
C VAL A 344 7.54 4.53 4.10
N GLY A 345 7.85 3.84 2.99
CA GLY A 345 6.78 3.44 2.01
C GLY A 345 5.74 2.57 2.70
N PHE A 346 6.16 1.82 3.73
CA PHE A 346 5.24 1.00 4.54
C PHE A 346 4.91 1.69 5.90
N GLY A 347 5.11 3.00 5.96
CA GLY A 347 4.79 3.67 7.22
C GLY A 347 5.84 3.36 8.26
N HIS A 348 5.52 3.63 9.54
CA HIS A 348 6.53 3.38 10.59
C HIS A 348 5.86 3.44 11.98
N GLY A 349 6.40 2.67 12.92
CA GLY A 349 5.89 2.68 14.31
C GLY A 349 4.53 2.02 14.50
N ILE A 350 3.70 2.67 15.28
CA ILE A 350 2.49 2.03 15.82
C ILE A 350 1.65 1.32 14.77
N HIS A 351 1.39 1.94 13.61
CA HIS A 351 0.48 1.39 12.61
C HIS A 351 1.22 0.98 11.36
N GLN A 352 2.52 0.76 11.43
CA GLN A 352 3.23 0.49 10.19
C GLN A 352 2.65 -0.74 9.54
N CYS A 353 2.83 -0.81 8.25
CA CYS A 353 2.15 -1.88 7.50
C CYS A 353 2.36 -3.30 8.05
N LEU A 354 1.25 -3.93 8.37
CA LEU A 354 1.26 -5.27 8.88
C LEU A 354 1.46 -6.27 7.73
N GLY A 355 0.99 -5.91 6.55
CA GLY A 355 1.07 -6.91 5.47
C GLY A 355 2.33 -6.77 4.63
N GLN A 356 3.31 -6.00 5.12
CA GLN A 356 4.49 -5.62 4.36
C GLN A 356 5.32 -6.72 3.77
N ASN A 357 5.49 -7.80 4.50
CA ASN A 357 6.24 -8.92 3.99
C ASN A 357 5.48 -9.71 2.90
N LEU A 358 4.13 -9.70 2.96
CA LEU A 358 3.33 -10.26 1.86
C LEU A 358 3.51 -9.36 0.59
N ALA A 359 3.48 -8.03 0.79
CA ALA A 359 3.55 -7.10 -0.31
C ALA A 359 4.91 -7.21 -0.97
N ARG A 360 5.97 -7.25 -0.16
CA ARG A 360 7.34 -7.46 -0.68
C ARG A 360 7.38 -8.74 -1.55
N ALA A 361 6.79 -9.81 -1.07
CA ALA A 361 6.71 -11.04 -1.84
C ALA A 361 6.01 -10.81 -3.15
N GLU A 362 4.88 -10.09 -3.16
CA GLU A 362 4.13 -9.90 -4.38
C GLU A 362 4.99 -9.10 -5.37
N LEU A 363 5.67 -8.09 -4.85
CA LEU A 363 6.45 -7.21 -5.68
C LEU A 363 7.64 -7.89 -6.28
N GLU A 364 8.39 -8.61 -5.48
CA GLU A 364 9.55 -9.34 -5.98
C GLU A 364 9.19 -10.35 -7.02
N ILE A 365 8.11 -11.10 -6.78
CA ILE A 365 7.72 -12.16 -7.69
C ILE A 365 7.08 -11.60 -8.92
N ALA A 366 6.19 -10.59 -8.78
CA ALA A 366 5.60 -10.02 -9.98
C ALA A 366 6.62 -9.18 -10.82
N LEU A 367 7.33 -8.25 -10.20
CA LEU A 367 8.31 -7.41 -10.96
C LEU A 367 9.44 -8.32 -11.48
N GLY A 368 10.01 -9.19 -10.65
CA GLY A 368 11.12 -10.03 -11.15
C GLY A 368 10.60 -10.89 -12.31
N GLY A 369 9.38 -11.45 -12.22
CA GLY A 369 8.86 -12.35 -13.27
C GLY A 369 8.54 -11.58 -14.55
N LEU A 370 7.94 -10.42 -14.38
CA LEU A 370 7.62 -9.59 -15.56
C LEU A 370 8.87 -9.23 -16.39
N PHE A 371 9.92 -8.73 -15.74
CA PHE A 371 11.04 -8.31 -16.54
C PHE A 371 11.92 -9.47 -16.99
N ALA A 372 11.86 -10.60 -16.32
CA ALA A 372 12.56 -11.79 -16.78
C ALA A 372 11.96 -12.33 -18.05
N ARG A 373 10.64 -12.25 -18.12
CA ARG A 373 9.94 -12.81 -19.24
C ARG A 373 9.88 -11.79 -20.40
N ILE A 374 9.67 -10.51 -20.04
CA ILE A 374 9.55 -9.39 -21.03
C ILE A 374 10.58 -8.25 -20.74
N PRO A 375 11.87 -8.52 -20.91
CA PRO A 375 12.84 -7.48 -20.55
C PRO A 375 12.79 -6.21 -21.44
N GLY A 376 12.23 -6.32 -22.65
CA GLY A 376 12.10 -5.15 -23.55
C GLY A 376 10.72 -4.43 -23.44
N LEU A 377 9.93 -4.81 -22.41
CA LEU A 377 8.63 -4.18 -22.11
C LEU A 377 8.77 -2.67 -22.14
N ARG A 378 7.88 -2.01 -22.85
CA ARG A 378 7.94 -0.53 -22.99
C ARG A 378 6.49 -0.02 -23.05
N LEU A 379 6.35 1.28 -22.88
CA LEU A 379 5.06 1.96 -23.02
C LEU A 379 4.62 2.01 -24.44
N ALA A 380 3.30 1.94 -24.66
CA ALA A 380 2.68 2.02 -26.00
C ALA A 380 2.18 3.46 -26.27
N VAL A 381 2.41 4.33 -25.31
CA VAL A 381 1.83 5.67 -25.33
C VAL A 381 2.93 6.60 -24.75
N PRO A 382 2.97 7.89 -25.14
CA PRO A 382 3.93 8.75 -24.42
C PRO A 382 3.62 8.78 -22.93
N LEU A 383 4.63 9.02 -22.10
CA LEU A 383 4.47 9.00 -20.64
C LEU A 383 3.33 9.89 -20.19
N ASP A 384 3.17 11.03 -20.85
CA ASP A 384 2.25 12.04 -20.32
C ASP A 384 0.80 11.78 -20.70
N GLU A 385 0.57 10.62 -21.35
CA GLU A 385 -0.77 10.16 -21.68
C GLU A 385 -1.24 9.04 -20.78
N VAL A 386 -0.36 8.56 -19.90
CA VAL A 386 -0.74 7.53 -18.87
C VAL A 386 -1.68 8.21 -17.85
N PRO A 387 -2.93 7.73 -17.71
CA PRO A 387 -3.79 8.39 -16.71
C PRO A 387 -3.40 7.94 -15.33
N ILE A 388 -3.27 8.86 -14.40
CA ILE A 388 -2.87 8.51 -13.00
C ILE A 388 -3.86 9.06 -11.95
N LYS A 389 -3.84 8.42 -10.79
CA LYS A 389 -4.82 8.72 -9.76
C LYS A 389 -4.59 10.13 -9.16
N ALA A 390 -5.66 10.71 -8.60
CA ALA A 390 -5.60 12.02 -7.94
C ALA A 390 -4.89 11.96 -6.59
N GLY A 391 -4.70 13.13 -5.97
CA GLY A 391 -3.81 13.32 -4.82
C GLY A 391 -4.30 12.80 -3.46
N HIS A 392 -5.60 12.55 -3.34
CA HIS A 392 -6.15 11.97 -2.12
C HIS A 392 -6.03 10.46 -2.18
N ASP A 393 -5.73 9.96 -3.37
CA ASP A 393 -5.76 8.52 -3.60
C ASP A 393 -4.41 7.82 -3.27
N ALA A 394 -4.39 6.49 -3.18
CA ALA A 394 -3.10 5.80 -3.32
C ALA A 394 -2.59 6.17 -4.72
N GLN A 395 -1.28 6.37 -4.85
CA GLN A 395 -0.70 6.82 -6.12
C GLN A 395 -0.41 5.72 -7.15
N GLY A 396 -0.79 5.97 -8.41
CA GLY A 396 -0.44 5.08 -9.49
C GLY A 396 -1.26 5.27 -10.77
N PRO A 397 -0.96 4.46 -11.83
CA PRO A 397 -1.68 4.61 -13.12
C PRO A 397 -3.05 3.98 -13.06
N ILE A 398 -4.03 4.59 -13.76
CA ILE A 398 -5.38 3.99 -13.80
C ILE A 398 -5.31 2.87 -14.86
N GLU A 399 -4.52 3.13 -15.89
CA GLU A 399 -4.29 2.17 -16.94
C GLU A 399 -2.82 2.32 -17.26
N LEU A 400 -2.23 1.28 -17.83
CA LEU A 400 -0.84 1.30 -18.20
C LEU A 400 -0.69 0.57 -19.52
N PRO A 401 -0.84 1.30 -20.65
CA PRO A 401 -0.67 0.69 -21.99
C PRO A 401 0.80 0.32 -22.29
N VAL A 402 1.07 -0.97 -22.34
CA VAL A 402 2.42 -1.48 -22.62
C VAL A 402 2.42 -2.30 -23.88
N VAL A 403 3.59 -2.47 -24.55
CA VAL A 403 3.71 -3.37 -25.70
C VAL A 403 5.10 -3.97 -25.57
N TRP A 404 5.36 -4.99 -26.37
CA TRP A 404 6.63 -5.65 -26.38
C TRP A 404 6.62 -6.35 -27.77
N HIS A 405 7.80 -6.64 -28.31
CA HIS A 405 7.95 -7.34 -29.58
C HIS A 405 8.92 -8.49 -29.47
N HIS A 406 9.26 -8.82 -28.22
CA HIS A 406 10.03 -10.04 -27.90
C HIS A 406 9.64 -10.57 -26.52
N HIS A 407 9.81 -11.87 -26.23
CA HIS A 407 9.66 -12.35 -24.83
C HIS A 407 10.44 -13.64 -24.68
N HIS A 408 10.89 -14.00 -23.48
CA HIS A 408 11.64 -15.23 -23.27
C HIS A 408 10.72 -16.46 -22.98
#